data_9KRH
#
_entry.id   9KRH
#
_cell.length_a   1.00
_cell.length_b   1.00
_cell.length_c   1.00
_cell.angle_alpha   90.00
_cell.angle_beta   90.00
_cell.angle_gamma   90.00
#
_symmetry.space_group_name_H-M   'P 1'
#
loop_
_entity.id
_entity.type
_entity.pdbx_description
1 polymer 'Sodium- and chloride-dependent creatine transporter 1'
2 non-polymer N-[(E)-AMINO(IMINO)METHYL]-N-METHYLGLYCINE
3 non-polymer 'CHLORIDE ION'
4 non-polymer 'SODIUM ION'
#
_entity_poly.entity_id   1
_entity_poly.type   'polypeptide(L)'
_entity_poly.pdbx_seq_one_letter_code
;MAKKSAENGIYSVSGDEKKGPLIAPGPDGAPAKGDGPVGLGTPGGRLAVPPRETWTRQMDFIMSCVGFAVGLGNVWRFPY
LCYKNGGGVFLIPYVLIALVGGIPIFFLEISLGQFMKAGSINVWNICPLFKGLGYASMVIVFYCNTYYIMVLAWGFYYLV
KSFTTTLPWATCGHTWNTPDCVEIFRHEDCANASLANLTCDQLADRRSPVIEFWENKVLRLSGGLEVPGALNWEVTLCLL
ACWVLVYFCVWKGVKSTGKIVYFTATFPYVVLVVLLVRGVLLPGALDGIIYYLKPDWSKLGSPQVWIDAGTQIFFSYAIG
LGALTALGSYNRFNNNCYKDAIILALINSGTSFFAGFVVFSILGFMAAEQGVHISKVAESGPGLAFIAYPRAVTLMPVAP
LWAALFFFMLLLLGLDSQFVGVEGFITGLLDLLPASYYFRFQREISVALCCALCFVIDLSMVTDGGMYVFQLFDYYSASG
TTLLWQAFWECVVVAWVYGADRFMDDIACMIGYRPCPWMKWCWSFFTPLVCMGIFIFNVVYYEPLVYNNTYVYPWWGEAM
GWAFALSSMLCVPLHLLGCLLRAKGTMAERWQHLTQPIWGLHHLEYRAQDADVRGLTTLTPVSESSKVVVVESVM
;
_entity_poly.pdbx_strand_id   A
#
# COMPACT_ATOMS: atom_id res chain seq x y z
N GLN A 58 -9.99 -12.71 18.25
CA GLN A 58 -9.31 -11.77 19.17
C GLN A 58 -9.54 -10.33 18.69
N MET A 59 -9.41 -9.36 19.59
CA MET A 59 -9.62 -7.93 19.21
C MET A 59 -8.55 -7.52 18.18
N ASP A 60 -7.28 -7.88 18.43
CA ASP A 60 -6.19 -7.46 17.52
C ASP A 60 -6.55 -7.83 16.08
N PHE A 61 -7.02 -9.07 15.85
CA PHE A 61 -7.33 -9.53 14.48
C PHE A 61 -8.23 -8.50 13.81
N ILE A 62 -9.40 -8.26 14.39
CA ILE A 62 -10.39 -7.32 13.77
C ILE A 62 -9.79 -5.90 13.75
N MET A 63 -9.17 -5.48 14.85
CA MET A 63 -8.64 -4.09 14.93
C MET A 63 -7.64 -3.86 13.79
N SER A 64 -6.73 -4.81 13.55
CA SER A 64 -5.74 -4.67 12.46
C SER A 64 -6.44 -4.78 11.09
N CYS A 65 -7.28 -5.81 10.92
CA CYS A 65 -7.92 -6.03 9.60
C CYS A 65 -8.63 -4.75 9.15
N VAL A 66 -9.58 -4.28 9.94
CA VAL A 66 -10.33 -3.02 9.59
C VAL A 66 -9.34 -1.85 9.65
N GLY A 67 -8.39 -1.88 10.59
CA GLY A 67 -7.47 -0.75 10.79
C GLY A 67 -6.67 -0.40 9.54
N PHE A 68 -5.51 -1.03 9.35
CA PHE A 68 -4.64 -0.61 8.22
C PHE A 68 -3.94 -1.83 7.62
N ALA A 69 -4.39 -3.03 7.98
CA ALA A 69 -3.81 -4.26 7.40
C ALA A 69 -4.55 -4.61 6.10
N VAL A 70 -5.85 -4.85 6.19
CA VAL A 70 -6.66 -5.16 4.98
C VAL A 70 -7.19 -3.83 4.41
N GLY A 71 -6.81 -3.49 3.17
CA GLY A 71 -7.23 -2.21 2.56
C GLY A 71 -7.07 -2.25 1.05
N LEU A 72 -6.88 -1.08 0.43
CA LEU A 72 -6.67 -1.01 -1.03
C LEU A 72 -5.43 -1.85 -1.41
N GLY A 73 -4.42 -1.87 -0.55
CA GLY A 73 -3.23 -2.63 -0.87
C GLY A 73 -3.52 -4.08 -1.19
N ASN A 74 -4.62 -4.59 -0.64
CA ASN A 74 -5.02 -5.96 -0.91
C ASN A 74 -5.98 -6.06 -2.09
N VAL A 75 -6.79 -5.04 -2.32
CA VAL A 75 -7.87 -5.11 -3.30
C VAL A 75 -7.49 -4.38 -4.58
N TRP A 76 -6.68 -3.32 -4.45
CA TRP A 76 -6.29 -2.49 -5.58
C TRP A 76 -4.85 -2.71 -6.03
N ARG A 77 -3.92 -2.82 -5.08
CA ARG A 77 -2.50 -2.82 -5.41
C ARG A 77 -2.06 -4.16 -5.99
N PHE A 78 -2.26 -5.23 -5.23
CA PHE A 78 -1.87 -6.58 -5.60
C PHE A 78 -2.40 -6.98 -6.98
N PRO A 79 -3.64 -6.68 -7.33
CA PRO A 79 -4.09 -7.02 -8.69
C PRO A 79 -3.20 -6.48 -9.80
N TYR A 80 -2.89 -5.18 -9.82
CA TYR A 80 -2.17 -4.70 -10.98
C TYR A 80 -0.70 -5.02 -10.86
N LEU A 81 -0.19 -5.21 -9.63
CA LEU A 81 1.18 -5.70 -9.52
C LEU A 81 1.31 -7.08 -10.13
N CYS A 82 0.36 -7.97 -9.83
CA CYS A 82 0.34 -9.28 -10.45
C CYS A 82 0.19 -9.17 -11.96
N TYR A 83 -0.69 -8.28 -12.42
CA TYR A 83 -0.89 -8.14 -13.86
C TYR A 83 0.36 -7.63 -14.56
N LYS A 84 1.04 -6.65 -13.96
CA LYS A 84 2.23 -6.08 -14.58
C LYS A 84 3.36 -7.09 -14.63
N ASN A 85 3.58 -7.81 -13.53
CA ASN A 85 4.68 -8.78 -13.53
C ASN A 85 4.36 -10.06 -14.28
N GLY A 86 3.12 -10.24 -14.70
CA GLY A 86 2.70 -11.51 -15.25
C GLY A 86 2.00 -12.29 -14.16
N GLY A 87 0.91 -12.96 -14.51
CA GLY A 87 0.05 -13.56 -13.51
C GLY A 87 0.71 -14.58 -12.60
N GLY A 88 1.06 -15.74 -13.16
CA GLY A 88 1.54 -16.82 -12.32
C GLY A 88 2.90 -16.55 -11.70
N VAL A 89 3.81 -15.97 -12.48
CA VAL A 89 5.20 -15.80 -12.02
C VAL A 89 5.28 -14.90 -10.80
N PHE A 90 4.33 -13.99 -10.63
CA PHE A 90 4.35 -13.07 -9.50
C PHE A 90 4.17 -13.79 -8.16
N LEU A 91 3.54 -14.96 -8.17
CA LEU A 91 3.13 -15.58 -6.92
C LEU A 91 4.30 -16.20 -6.17
N ILE A 92 5.27 -16.77 -6.90
CA ILE A 92 6.40 -17.43 -6.24
C ILE A 92 7.22 -16.47 -5.39
N PRO A 93 7.69 -15.32 -5.91
CA PRO A 93 8.36 -14.36 -5.02
C PRO A 93 7.44 -13.87 -3.92
N TYR A 94 6.14 -13.78 -4.19
CA TYR A 94 5.20 -13.35 -3.17
C TYR A 94 5.22 -14.31 -1.98
N VAL A 95 5.03 -15.60 -2.23
CA VAL A 95 4.98 -16.54 -1.11
C VAL A 95 6.36 -16.68 -0.46
N LEU A 96 7.42 -16.64 -1.27
CA LEU A 96 8.76 -16.74 -0.70
C LEU A 96 9.07 -15.59 0.23
N ILE A 97 8.75 -14.35 -0.19
CA ILE A 97 9.00 -13.20 0.66
C ILE A 97 8.06 -13.20 1.85
N ALA A 98 6.82 -13.64 1.66
CA ALA A 98 5.87 -13.67 2.78
C ALA A 98 6.36 -14.62 3.87
N LEU A 99 6.89 -15.77 3.49
CA LEU A 99 7.41 -16.70 4.49
C LEU A 99 8.75 -16.24 5.04
N VAL A 100 9.54 -15.51 4.26
CA VAL A 100 10.89 -15.14 4.67
C VAL A 100 10.95 -13.70 5.16
N GLY A 101 10.32 -12.76 4.45
CA GLY A 101 10.39 -11.37 4.83
C GLY A 101 9.11 -10.84 5.45
N GLY A 102 7.97 -11.23 4.88
CA GLY A 102 6.69 -10.69 5.33
C GLY A 102 6.32 -11.06 6.75
N ILE A 103 6.13 -12.36 6.98
CA ILE A 103 5.74 -12.83 8.32
C ILE A 103 6.75 -12.45 9.38
N PRO A 104 8.06 -12.68 9.21
CA PRO A 104 9.01 -12.31 10.27
C PRO A 104 8.99 -10.84 10.64
N ILE A 105 8.89 -9.95 9.66
CA ILE A 105 8.91 -8.52 9.99
C ILE A 105 7.57 -8.09 10.55
N PHE A 106 6.48 -8.72 10.11
CA PHE A 106 5.18 -8.43 10.71
C PHE A 106 5.20 -8.77 12.19
N PHE A 107 5.68 -9.97 12.52
CA PHE A 107 5.85 -10.34 13.92
C PHE A 107 6.80 -9.40 14.64
N LEU A 108 7.88 -9.01 13.98
CA LEU A 108 8.85 -8.11 14.58
C LEU A 108 8.19 -6.82 15.04
N GLU A 109 7.44 -6.19 14.13
CA GLU A 109 6.81 -4.91 14.44
C GLU A 109 5.75 -5.06 15.51
N ILE A 110 4.90 -6.09 15.39
CA ILE A 110 3.84 -6.27 16.39
C ILE A 110 4.45 -6.46 17.77
N SER A 111 5.42 -7.37 17.90
CA SER A 111 5.92 -7.69 19.23
C SER A 111 6.83 -6.59 19.75
N LEU A 112 7.46 -5.82 18.86
CA LEU A 112 8.22 -4.66 19.32
C LEU A 112 7.30 -3.59 19.88
N GLY A 113 6.17 -3.36 19.21
CA GLY A 113 5.18 -2.45 19.76
C GLY A 113 4.65 -2.93 21.10
N GLN A 114 4.40 -4.23 21.22
CA GLN A 114 3.98 -4.78 22.51
C GLN A 114 5.05 -4.61 23.58
N PHE A 115 6.31 -4.86 23.23
CA PHE A 115 7.39 -4.81 24.22
C PHE A 115 7.62 -3.40 24.71
N MET A 116 7.76 -2.44 23.80
CA MET A 116 8.12 -1.09 24.21
C MET A 116 6.93 -0.29 24.71
N LYS A 117 5.70 -0.72 24.41
CA LYS A 117 4.49 -0.01 24.83
C LYS A 117 4.51 1.45 24.36
N ALA A 118 5.05 1.66 23.16
CA ALA A 118 5.12 3.00 22.58
C ALA A 118 5.19 2.87 21.06
N GLY A 119 4.63 3.85 20.38
CA GLY A 119 4.67 3.89 18.93
C GLY A 119 5.50 5.05 18.42
N SER A 120 5.38 5.34 17.14
CA SER A 120 6.10 6.47 16.50
C SER A 120 7.59 6.23 16.67
N ILE A 121 8.37 7.21 17.13
CA ILE A 121 9.82 7.02 17.18
C ILE A 121 10.26 6.52 18.55
N ASN A 122 9.42 6.66 19.57
CA ASN A 122 9.83 6.23 20.91
C ASN A 122 10.12 4.74 20.96
N VAL A 123 9.52 3.97 20.04
CA VAL A 123 9.73 2.53 20.02
C VAL A 123 11.19 2.18 19.80
N TRP A 124 11.99 3.11 19.28
CA TRP A 124 13.41 2.88 19.07
C TRP A 124 14.26 3.26 20.26
N ASN A 125 13.68 3.42 21.44
CA ASN A 125 14.49 3.57 22.64
C ASN A 125 15.28 2.31 22.97
N ILE A 126 14.96 1.18 22.34
CA ILE A 126 15.81 0.00 22.43
C ILE A 126 17.17 0.30 21.81
N CYS A 127 17.21 1.20 20.82
CA CYS A 127 18.47 1.66 20.23
C CYS A 127 18.25 3.08 19.75
N PRO A 128 18.45 4.07 20.63
CA PRO A 128 18.22 5.46 20.24
C PRO A 128 19.08 5.89 19.08
N LEU A 129 20.25 5.26 18.92
CA LEU A 129 21.18 5.61 17.86
C LEU A 129 20.56 5.38 16.48
N PHE A 130 19.58 4.48 16.37
CA PHE A 130 18.85 4.26 15.12
C PHE A 130 17.45 4.85 15.14
N LYS A 131 17.15 5.73 16.09
CA LYS A 131 15.82 6.33 16.17
C LYS A 131 15.39 6.95 14.84
N GLY A 132 16.35 7.24 13.97
CA GLY A 132 16.03 7.81 12.67
C GLY A 132 15.04 7.00 11.87
N LEU A 133 15.04 5.67 12.04
CA LEU A 133 14.06 4.84 11.34
C LEU A 133 12.65 5.36 11.57
N GLY A 134 12.34 5.74 12.82
CA GLY A 134 11.03 6.31 13.08
C GLY A 134 10.73 7.50 12.20
N TYR A 135 11.67 8.46 12.15
CA TYR A 135 11.51 9.59 11.23
C TYR A 135 11.26 9.10 9.82
N ALA A 136 12.08 8.15 9.36
CA ALA A 136 11.89 7.59 8.02
C ALA A 136 10.46 7.11 7.85
N SER A 137 9.98 6.32 8.81
CA SER A 137 8.62 5.80 8.73
C SER A 137 7.63 6.94 8.54
N MET A 138 7.78 8.00 9.33
CA MET A 138 6.89 9.14 9.22
C MET A 138 6.86 9.65 7.79
N VAL A 139 8.05 9.89 7.23
CA VAL A 139 8.12 10.36 5.85
C VAL A 139 7.35 9.41 4.95
N ILE A 140 7.61 8.11 5.09
CA ILE A 140 6.93 7.14 4.24
C ILE A 140 5.43 7.29 4.37
N VAL A 141 4.93 7.31 5.59
CA VAL A 141 3.48 7.33 5.75
C VAL A 141 2.92 8.61 5.18
N PHE A 142 3.67 9.72 5.33
CA PHE A 142 3.22 10.97 4.73
C PHE A 142 3.02 10.81 3.24
N TYR A 143 4.04 10.27 2.56
CA TYR A 143 3.92 10.04 1.13
C TYR A 143 2.74 9.13 0.84
N CYS A 144 2.56 8.09 1.67
CA CYS A 144 1.42 7.22 1.49
C CYS A 144 0.12 8.03 1.60
N ASN A 145 -0.01 8.80 2.68
CA ASN A 145 -1.21 9.60 2.86
C ASN A 145 -1.38 10.60 1.71
N THR A 146 -0.30 10.95 1.02
CA THR A 146 -0.45 11.85 -0.11
C THR A 146 -1.19 11.19 -1.25
N TYR A 147 -0.83 9.95 -1.59
CA TYR A 147 -1.40 9.35 -2.80
C TYR A 147 -2.44 8.29 -2.53
N TYR A 148 -2.43 7.66 -1.36
CA TYR A 148 -3.48 6.71 -1.02
C TYR A 148 -4.85 7.34 -1.18
N ILE A 149 -5.05 8.50 -0.55
CA ILE A 149 -6.34 9.19 -0.64
C ILE A 149 -6.71 9.45 -2.09
N MET A 150 -5.70 9.65 -2.95
CA MET A 150 -6.00 9.92 -4.35
C MET A 150 -6.81 8.80 -4.96
N VAL A 151 -6.44 7.55 -4.67
CA VAL A 151 -7.22 6.42 -5.17
C VAL A 151 -8.67 6.58 -4.74
N LEU A 152 -8.87 6.88 -3.45
CA LEU A 152 -10.22 7.07 -2.94
C LEU A 152 -10.98 8.09 -3.76
N ALA A 153 -10.32 9.20 -4.11
CA ALA A 153 -10.98 10.22 -4.91
C ALA A 153 -11.56 9.59 -6.17
N TRP A 154 -10.72 8.87 -6.91
CA TRP A 154 -11.22 8.20 -8.10
C TRP A 154 -12.38 7.27 -7.75
N GLY A 155 -12.19 6.45 -6.72
CA GLY A 155 -13.27 5.59 -6.28
C GLY A 155 -14.50 6.40 -5.92
N PHE A 156 -14.31 7.47 -5.16
CA PHE A 156 -15.43 8.33 -4.81
C PHE A 156 -16.11 8.84 -6.07
N TYR A 157 -15.32 9.28 -7.05
CA TYR A 157 -15.89 9.74 -8.30
C TYR A 157 -16.78 8.66 -8.90
N TYR A 158 -16.29 7.43 -8.96
CA TYR A 158 -17.09 6.34 -9.50
C TYR A 158 -18.39 6.21 -8.74
N LEU A 159 -18.33 6.25 -7.41
CA LEU A 159 -19.54 6.17 -6.61
C LEU A 159 -20.52 7.26 -6.99
N VAL A 160 -20.01 8.48 -7.18
CA VAL A 160 -20.89 9.59 -7.52
C VAL A 160 -21.53 9.34 -8.88
N LYS A 161 -20.78 8.75 -9.80
CA LYS A 161 -21.33 8.42 -11.11
C LYS A 161 -22.06 7.09 -11.12
N SER A 162 -22.07 6.37 -10.00
CA SER A 162 -22.74 5.07 -9.97
C SER A 162 -24.25 5.21 -9.94
N PHE A 163 -24.77 6.24 -9.28
CA PHE A 163 -26.22 6.43 -9.12
C PHE A 163 -26.83 6.91 -10.44
N THR A 164 -27.03 5.94 -11.33
CA THR A 164 -27.66 6.23 -12.62
C THR A 164 -28.33 4.96 -13.12
N THR A 165 -29.43 5.13 -13.85
CA THR A 165 -30.14 3.99 -14.40
C THR A 165 -29.23 3.14 -15.29
N THR A 166 -28.37 3.80 -16.08
CA THR A 166 -27.37 3.10 -16.88
C THR A 166 -26.00 3.64 -16.53
N LEU A 167 -25.09 2.75 -16.17
CA LEU A 167 -23.80 3.16 -15.65
C LEU A 167 -23.02 3.93 -16.72
N PRO A 168 -22.18 4.89 -16.33
CA PRO A 168 -21.40 5.64 -17.33
C PRO A 168 -20.50 4.77 -18.17
N TRP A 169 -19.91 3.72 -17.57
CA TRP A 169 -19.01 2.83 -18.29
C TRP A 169 -19.73 1.59 -18.81
N ALA A 170 -21.00 1.72 -19.16
CA ALA A 170 -21.72 0.65 -19.86
C ALA A 170 -21.89 0.94 -21.34
N THR A 171 -22.05 2.20 -21.73
CA THR A 171 -22.15 2.61 -23.12
C THR A 171 -21.10 3.68 -23.38
N CYS A 172 -20.62 3.74 -24.62
CA CYS A 172 -19.58 4.70 -25.00
C CYS A 172 -20.07 5.68 -26.06
N GLY A 173 -21.36 5.98 -26.07
CA GLY A 173 -21.92 6.99 -26.94
C GLY A 173 -21.89 8.39 -26.37
N HIS A 174 -21.12 8.63 -25.32
CA HIS A 174 -21.09 9.91 -24.65
C HIS A 174 -20.14 10.87 -25.38
N THR A 175 -20.02 12.09 -24.84
CA THR A 175 -19.24 13.12 -25.51
C THR A 175 -17.75 12.83 -25.46
N TRP A 176 -17.24 12.50 -24.27
CA TRP A 176 -15.79 12.39 -24.10
C TRP A 176 -15.21 11.13 -24.72
N ASN A 177 -16.04 10.15 -25.07
CA ASN A 177 -15.55 8.89 -25.60
C ASN A 177 -15.13 9.07 -27.06
N THR A 178 -13.94 8.56 -27.39
CA THR A 178 -13.41 8.70 -28.73
C THR A 178 -14.23 7.88 -29.72
N PRO A 179 -14.20 8.25 -31.01
CA PRO A 179 -14.93 7.47 -32.01
C PRO A 179 -14.44 6.04 -32.14
N ASP A 180 -13.24 5.74 -31.68
CA ASP A 180 -12.70 4.38 -31.73
C ASP A 180 -13.23 3.56 -30.55
N CYS A 181 -14.53 3.26 -30.59
CA CYS A 181 -15.16 2.42 -29.58
C CYS A 181 -16.40 1.75 -30.18
N VAL A 182 -16.81 0.66 -29.55
CA VAL A 182 -18.07 -0.01 -29.88
C VAL A 182 -18.50 -0.81 -28.65
N GLU A 183 -19.82 -0.88 -28.44
CA GLU A 183 -20.33 -1.52 -27.23
C GLU A 183 -20.03 -3.02 -27.23
N ILE A 184 -20.26 -3.69 -28.35
CA ILE A 184 -20.05 -5.13 -28.47
C ILE A 184 -18.97 -5.38 -29.51
N PHE A 185 -18.20 -6.44 -29.29
CA PHE A 185 -17.00 -6.71 -30.06
C PHE A 185 -17.20 -7.90 -30.99
N ARG A 186 -16.85 -7.71 -32.25
CA ARG A 186 -16.92 -8.75 -33.27
C ARG A 186 -15.62 -9.56 -33.28
N HIS A 187 -15.69 -10.75 -33.85
CA HIS A 187 -14.54 -11.65 -33.88
C HIS A 187 -13.39 -11.04 -34.70
N GLN A 202 -10.05 -0.65 -35.42
CA GLN A 202 -10.32 -2.03 -35.80
C GLN A 202 -9.71 -3.00 -34.80
N LEU A 203 -9.27 -4.15 -35.31
CA LEU A 203 -8.63 -5.15 -34.47
C LEU A 203 -7.39 -4.56 -33.80
N ALA A 204 -7.19 -4.89 -32.53
CA ALA A 204 -6.11 -4.39 -31.69
C ALA A 204 -6.18 -2.88 -31.49
N ASP A 205 -7.27 -2.24 -31.92
CA ASP A 205 -7.45 -0.81 -31.78
C ASP A 205 -8.71 -0.42 -31.03
N ARG A 206 -9.73 -1.27 -31.03
CA ARG A 206 -10.97 -0.95 -30.34
C ARG A 206 -10.74 -0.89 -28.83
N ARG A 207 -11.38 0.08 -28.19
CA ARG A 207 -11.25 0.31 -26.75
C ARG A 207 -12.58 0.06 -26.08
N SER A 208 -12.55 -0.67 -24.96
CA SER A 208 -13.75 -0.94 -24.21
C SER A 208 -14.28 0.34 -23.58
N PRO A 209 -15.59 0.45 -23.36
CA PRO A 209 -16.13 1.66 -22.73
C PRO A 209 -15.56 1.93 -21.34
N VAL A 210 -15.20 0.89 -20.60
CA VAL A 210 -14.70 1.10 -19.24
C VAL A 210 -13.35 1.80 -19.25
N ILE A 211 -12.44 1.37 -20.13
CA ILE A 211 -11.15 2.05 -20.20
C ILE A 211 -11.30 3.46 -20.75
N GLU A 212 -12.23 3.66 -21.69
CA GLU A 212 -12.49 5.00 -22.20
C GLU A 212 -12.97 5.92 -21.08
N PHE A 213 -13.88 5.43 -20.24
CA PHE A 213 -14.34 6.24 -19.12
C PHE A 213 -13.22 6.49 -18.11
N TRP A 214 -12.40 5.48 -17.85
CA TRP A 214 -11.33 5.63 -16.88
C TRP A 214 -10.30 6.66 -17.32
N GLU A 215 -9.95 6.65 -18.61
CA GLU A 215 -8.87 7.52 -19.07
C GLU A 215 -9.38 8.87 -19.58
N ASN A 216 -10.34 8.87 -20.50
CA ASN A 216 -10.78 10.12 -21.11
C ASN A 216 -11.51 11.01 -20.12
N LYS A 217 -12.27 10.43 -19.19
CA LYS A 217 -13.12 11.22 -18.30
C LYS A 217 -12.56 11.31 -16.88
N VAL A 218 -12.30 10.17 -16.24
CA VAL A 218 -11.84 10.18 -14.87
C VAL A 218 -10.43 10.75 -14.78
N LEU A 219 -9.56 10.34 -15.70
CA LEU A 219 -8.16 10.75 -15.67
C LEU A 219 -7.85 11.92 -16.58
N ARG A 220 -8.49 11.99 -17.76
CA ARG A 220 -8.12 12.95 -18.79
C ARG A 220 -6.64 12.86 -19.10
N LEU A 221 -6.16 11.63 -19.28
CA LEU A 221 -4.73 11.37 -19.36
C LEU A 221 -4.10 12.12 -20.53
N SER A 222 -2.99 12.78 -20.27
CA SER A 222 -2.32 13.60 -21.26
C SER A 222 -1.29 12.78 -22.02
N GLY A 223 -0.47 13.45 -22.83
CA GLY A 223 0.56 12.75 -23.58
C GLY A 223 1.64 12.15 -22.69
N GLY A 224 2.07 12.90 -21.68
CA GLY A 224 3.14 12.43 -20.82
C GLY A 224 3.30 13.33 -19.63
N LEU A 225 4.21 12.94 -18.73
CA LEU A 225 4.51 13.74 -17.55
C LEU A 225 5.08 15.10 -17.92
N GLU A 226 5.71 15.22 -19.09
CA GLU A 226 6.26 16.51 -19.51
C GLU A 226 5.16 17.55 -19.71
N VAL A 227 3.97 17.13 -20.10
CA VAL A 227 2.84 18.03 -20.29
C VAL A 227 1.82 17.80 -19.18
N PRO A 228 1.68 18.74 -18.25
CA PRO A 228 0.69 18.56 -17.17
C PRO A 228 -0.74 18.62 -17.69
N GLY A 229 -1.08 19.67 -18.41
CA GLY A 229 -2.41 19.84 -18.94
C GLY A 229 -3.31 20.66 -18.03
N ALA A 230 -4.61 20.58 -18.32
CA ALA A 230 -5.62 21.33 -17.59
C ALA A 230 -6.07 20.54 -16.36
N LEU A 231 -6.32 21.25 -15.27
CA LEU A 231 -6.80 20.60 -14.06
C LEU A 231 -8.21 20.05 -14.26
N ASN A 232 -8.48 18.89 -13.65
CA ASN A 232 -9.79 18.24 -13.72
C ASN A 232 -10.59 18.66 -12.49
N TRP A 233 -11.68 19.40 -12.72
CA TRP A 233 -12.41 19.99 -11.60
C TRP A 233 -13.30 18.97 -10.88
N GLU A 234 -13.87 18.01 -11.61
CA GLU A 234 -14.75 17.04 -10.97
C GLU A 234 -13.98 16.16 -9.99
N VAL A 235 -12.85 15.60 -10.44
CA VAL A 235 -12.02 14.81 -9.54
C VAL A 235 -11.44 15.69 -8.44
N THR A 236 -11.20 16.98 -8.73
CA THR A 236 -10.75 17.89 -7.69
C THR A 236 -11.79 17.99 -6.59
N LEU A 237 -13.06 18.17 -6.96
CA LEU A 237 -14.13 18.26 -5.97
C LEU A 237 -14.28 16.96 -5.21
N CYS A 238 -14.18 15.82 -5.90
CA CYS A 238 -14.30 14.54 -5.22
C CYS A 238 -13.16 14.33 -4.22
N LEU A 239 -11.94 14.69 -4.61
CA LEU A 239 -10.81 14.58 -3.70
C LEU A 239 -10.96 15.52 -2.51
N LEU A 240 -11.47 16.73 -2.77
CA LEU A 240 -11.72 17.66 -1.67
C LEU A 240 -12.78 17.12 -0.72
N ALA A 241 -13.80 16.46 -1.26
CA ALA A 241 -14.81 15.82 -0.42
C ALA A 241 -14.19 14.71 0.42
N CYS A 242 -13.33 13.90 -0.19
CA CYS A 242 -12.65 12.86 0.57
C CYS A 242 -11.81 13.46 1.68
N TRP A 243 -11.13 14.57 1.40
CA TRP A 243 -10.24 15.15 2.40
C TRP A 243 -11.02 15.82 3.51
N VAL A 244 -12.14 16.48 3.19
CA VAL A 244 -12.93 17.08 4.26
C VAL A 244 -13.58 15.99 5.10
N LEU A 245 -13.96 14.87 4.47
CA LEU A 245 -14.48 13.75 5.25
C LEU A 245 -13.42 13.18 6.17
N VAL A 246 -12.18 13.08 5.68
CA VAL A 246 -11.07 12.62 6.53
C VAL A 246 -10.86 13.59 7.68
N TYR A 247 -10.91 14.89 7.39
CA TYR A 247 -10.79 15.91 8.44
C TYR A 247 -11.87 15.73 9.49
N PHE A 248 -13.12 15.59 9.06
CA PHE A 248 -14.24 15.49 9.99
C PHE A 248 -14.12 14.25 10.85
N CYS A 249 -13.76 13.12 10.24
CA CYS A 249 -13.71 11.86 10.98
C CYS A 249 -12.51 11.83 11.92
N VAL A 250 -11.34 12.24 11.45
CA VAL A 250 -10.14 12.20 12.28
C VAL A 250 -10.30 13.14 13.47
N TRP A 251 -10.81 14.34 13.23
CA TRP A 251 -11.04 15.29 14.32
C TRP A 251 -12.07 14.76 15.30
N LYS A 252 -13.14 14.13 14.80
CA LYS A 252 -14.14 13.54 15.68
C LYS A 252 -13.66 12.21 16.26
N GLY A 253 -12.91 11.43 15.50
CA GLY A 253 -12.46 10.12 15.94
C GLY A 253 -13.55 9.08 15.91
N VAL A 254 -14.05 8.77 14.71
CA VAL A 254 -15.18 7.84 14.59
C VAL A 254 -14.75 6.42 14.96
N LYS A 255 -13.62 5.97 14.43
CA LYS A 255 -13.05 4.65 14.71
C LYS A 255 -14.03 3.51 14.40
N SER A 256 -15.03 3.77 13.56
CA SER A 256 -15.99 2.75 13.10
C SER A 256 -16.76 2.12 14.26
N THR A 257 -16.85 2.85 15.39
CA THR A 257 -17.60 2.42 16.57
C THR A 257 -17.08 1.03 16.97
N GLY A 258 -17.94 0.12 17.41
CA GLY A 258 -17.51 -1.21 17.77
C GLY A 258 -18.20 -2.33 16.99
N LYS A 259 -19.45 -2.10 16.60
CA LYS A 259 -20.20 -3.04 15.79
C LYS A 259 -20.06 -2.77 14.31
N ILE A 260 -19.98 -1.51 13.90
CA ILE A 260 -19.71 -1.18 12.51
C ILE A 260 -18.35 -1.73 12.10
N VAL A 261 -17.38 -1.69 13.02
CA VAL A 261 -16.10 -2.37 12.81
C VAL A 261 -16.34 -3.79 12.29
N TYR A 262 -17.09 -4.57 13.06
CA TYR A 262 -17.45 -5.92 12.63
C TYR A 262 -18.05 -5.90 11.24
N PHE A 263 -19.02 -5.00 11.02
CA PHE A 263 -19.59 -4.84 9.69
C PHE A 263 -18.49 -4.56 8.67
N THR A 264 -17.66 -3.55 8.94
CA THR A 264 -16.60 -3.23 8.00
C THR A 264 -15.57 -4.33 7.89
N ALA A 265 -15.52 -5.24 8.87
CA ALA A 265 -14.64 -6.40 8.74
C ALA A 265 -15.22 -7.44 7.80
N THR A 266 -16.55 -7.55 7.74
CA THR A 266 -17.18 -8.59 6.95
C THR A 266 -17.84 -8.08 5.68
N PHE A 267 -18.07 -6.76 5.58
CA PHE A 267 -18.69 -6.22 4.38
C PHE A 267 -17.84 -6.44 3.12
N PRO A 268 -16.51 -6.26 3.13
CA PRO A 268 -15.75 -6.45 1.87
C PRO A 268 -15.90 -7.83 1.27
N TYR A 269 -15.51 -8.86 2.03
CA TYR A 269 -15.46 -10.21 1.49
C TYR A 269 -16.78 -10.60 0.85
N VAL A 270 -17.88 -10.33 1.56
CA VAL A 270 -19.22 -10.63 1.03
C VAL A 270 -19.33 -10.14 -0.40
N VAL A 271 -19.10 -8.84 -0.61
CA VAL A 271 -19.20 -8.27 -1.95
C VAL A 271 -18.28 -9.01 -2.90
N LEU A 272 -17.02 -9.17 -2.50
CA LEU A 272 -16.06 -9.86 -3.35
C LEU A 272 -16.55 -11.26 -3.68
N VAL A 273 -17.11 -11.95 -2.68
CA VAL A 273 -17.60 -13.31 -2.90
C VAL A 273 -18.59 -13.31 -4.05
N VAL A 274 -19.56 -12.39 -4.01
CA VAL A 274 -20.55 -12.31 -5.07
C VAL A 274 -19.84 -12.16 -6.41
N LEU A 275 -18.92 -11.19 -6.49
CA LEU A 275 -18.17 -10.99 -7.73
C LEU A 275 -17.52 -12.28 -8.18
N LEU A 276 -16.86 -12.98 -7.25
CA LEU A 276 -16.17 -14.22 -7.61
C LEU A 276 -17.13 -15.18 -8.28
N VAL A 277 -18.33 -15.34 -7.71
CA VAL A 277 -19.29 -16.25 -8.33
C VAL A 277 -19.57 -15.81 -9.75
N ARG A 278 -19.95 -14.55 -9.93
CA ARG A 278 -20.14 -14.05 -11.28
C ARG A 278 -18.84 -14.17 -12.06
N GLY A 279 -17.72 -13.89 -11.39
CA GLY A 279 -16.43 -14.00 -12.06
C GLY A 279 -16.17 -15.37 -12.62
N VAL A 280 -16.58 -16.42 -11.91
CA VAL A 280 -16.26 -17.75 -12.41
C VAL A 280 -17.26 -18.17 -13.48
N LEU A 281 -18.42 -17.52 -13.51
CA LEU A 281 -19.44 -17.88 -14.49
C LEU A 281 -19.35 -17.03 -15.75
N LEU A 282 -18.16 -16.92 -16.33
CA LEU A 282 -17.94 -16.14 -17.52
C LEU A 282 -17.14 -16.94 -18.53
N PRO A 283 -17.34 -16.71 -19.82
CA PRO A 283 -16.52 -17.38 -20.84
C PRO A 283 -15.09 -16.88 -20.76
N GLY A 284 -14.14 -17.81 -20.76
CA GLY A 284 -12.75 -17.47 -20.72
C GLY A 284 -12.20 -17.13 -19.35
N ALA A 285 -13.00 -17.27 -18.30
CA ALA A 285 -12.49 -17.02 -16.95
C ALA A 285 -11.47 -18.09 -16.56
N LEU A 286 -11.59 -19.29 -17.14
CA LEU A 286 -10.60 -20.33 -16.87
C LEU A 286 -9.23 -19.96 -17.43
N ASP A 287 -9.21 -19.36 -18.62
CA ASP A 287 -7.94 -18.90 -19.17
C ASP A 287 -7.31 -17.83 -18.29
N GLY A 288 -8.13 -16.88 -17.82
CA GLY A 288 -7.62 -15.87 -16.92
C GLY A 288 -7.10 -16.46 -15.62
N ILE A 289 -7.80 -17.46 -15.08
CA ILE A 289 -7.38 -18.00 -13.80
C ILE A 289 -6.12 -18.84 -13.96
N ILE A 290 -5.97 -19.54 -15.08
CA ILE A 290 -4.73 -20.31 -15.29
C ILE A 290 -3.56 -19.37 -15.56
N TYR A 291 -3.83 -18.23 -16.21
CA TYR A 291 -2.79 -17.21 -16.34
C TYR A 291 -2.41 -16.65 -14.98
N TYR A 292 -3.40 -16.51 -14.09
CA TYR A 292 -3.14 -16.01 -12.74
C TYR A 292 -2.31 -17.01 -11.94
N LEU A 293 -2.54 -18.31 -12.14
CA LEU A 293 -1.95 -19.33 -11.29
C LEU A 293 -0.69 -19.95 -11.89
N LYS A 294 -0.74 -20.38 -13.15
CA LYS A 294 0.39 -21.06 -13.79
C LYS A 294 1.55 -20.09 -13.95
N PRO A 295 2.70 -20.37 -13.35
CA PRO A 295 3.84 -19.45 -13.45
C PRO A 295 4.45 -19.44 -14.84
N ASP A 296 5.11 -18.33 -15.15
CA ASP A 296 5.97 -18.21 -16.32
C ASP A 296 7.40 -18.27 -15.82
N TRP A 297 8.06 -19.41 -16.06
CA TRP A 297 9.36 -19.67 -15.45
C TRP A 297 10.46 -18.76 -15.98
N SER A 298 10.31 -18.26 -17.22
CA SER A 298 11.33 -17.38 -17.78
C SER A 298 11.43 -16.08 -17.00
N LYS A 299 10.30 -15.51 -16.59
CA LYS A 299 10.27 -14.18 -16.00
C LYS A 299 10.93 -14.12 -14.62
N LEU A 300 11.19 -15.25 -13.98
CA LEU A 300 11.82 -15.22 -12.66
C LEU A 300 13.21 -14.60 -12.71
N GLY A 301 13.86 -14.59 -13.87
CA GLY A 301 15.20 -14.04 -13.96
C GLY A 301 15.28 -12.56 -13.67
N SER A 302 14.34 -11.78 -14.21
CA SER A 302 14.38 -10.34 -14.03
C SER A 302 14.14 -9.98 -12.57
N PRO A 303 14.87 -8.98 -12.05
CA PRO A 303 14.63 -8.54 -10.66
C PRO A 303 13.33 -7.77 -10.49
N GLN A 304 12.64 -7.42 -11.59
CA GLN A 304 11.41 -6.65 -11.49
C GLN A 304 10.36 -7.39 -10.67
N VAL A 305 10.19 -8.69 -10.93
CA VAL A 305 9.19 -9.46 -10.20
C VAL A 305 9.54 -9.53 -8.73
N TRP A 306 10.83 -9.69 -8.41
CA TRP A 306 11.22 -9.82 -7.01
C TRP A 306 11.04 -8.50 -6.26
N ILE A 307 11.45 -7.39 -6.87
CA ILE A 307 11.22 -6.09 -6.22
C ILE A 307 9.74 -5.82 -6.05
N ASP A 308 8.95 -6.09 -7.08
CA ASP A 308 7.51 -5.82 -7.00
C ASP A 308 6.86 -6.67 -5.92
N ALA A 309 7.22 -7.94 -5.82
CA ALA A 309 6.59 -8.81 -4.83
C ALA A 309 7.03 -8.46 -3.41
N GLY A 310 8.34 -8.25 -3.21
CA GLY A 310 8.80 -7.88 -1.88
C GLY A 310 8.20 -6.58 -1.40
N THR A 311 8.16 -5.57 -2.27
CA THR A 311 7.56 -4.31 -1.87
C THR A 311 6.06 -4.42 -1.76
N GLN A 312 5.42 -5.31 -2.53
CA GLN A 312 3.99 -5.51 -2.38
C GLN A 312 3.65 -6.06 -1.01
N ILE A 313 4.43 -7.02 -0.53
CA ILE A 313 4.20 -7.52 0.83
C ILE A 313 4.50 -6.42 1.85
N PHE A 314 5.62 -5.72 1.68
CA PHE A 314 5.99 -4.72 2.69
C PHE A 314 5.07 -3.52 2.64
N PHE A 315 4.27 -3.39 1.59
CA PHE A 315 3.26 -2.34 1.52
C PHE A 315 1.93 -2.81 2.07
N SER A 316 1.43 -3.94 1.56
CA SER A 316 0.15 -4.48 2.02
C SER A 316 0.16 -4.85 3.49
N TYR A 317 1.31 -5.26 4.02
CA TYR A 317 1.43 -5.49 5.45
C TYR A 317 1.74 -4.21 6.21
N ALA A 318 1.92 -3.10 5.50
CA ALA A 318 2.26 -1.81 6.09
C ALA A 318 3.58 -1.88 6.86
N ILE A 319 4.49 -2.72 6.37
CA ILE A 319 5.82 -2.82 6.97
C ILE A 319 6.53 -1.48 6.87
N GLY A 320 7.15 -1.06 7.97
CA GLY A 320 7.99 0.11 7.97
C GLY A 320 7.27 1.43 8.05
N LEU A 321 5.94 1.43 8.13
CA LEU A 321 5.19 2.67 8.22
C LEU A 321 4.86 3.07 9.65
N GLY A 322 5.26 2.27 10.64
CA GLY A 322 5.12 2.64 12.03
C GLY A 322 3.77 2.39 12.65
N ALA A 323 2.74 2.08 11.84
CA ALA A 323 1.43 1.82 12.41
C ALA A 323 1.38 0.47 13.11
N LEU A 324 2.19 -0.48 12.66
CA LEU A 324 2.19 -1.80 13.27
C LEU A 324 2.72 -1.73 14.70
N THR A 325 3.72 -0.88 14.95
CA THR A 325 4.18 -0.65 16.31
C THR A 325 3.07 -0.03 17.16
N ALA A 326 2.27 0.84 16.58
CA ALA A 326 1.13 1.39 17.31
C ALA A 326 0.14 0.29 17.68
N LEU A 327 -0.12 -0.63 16.73
CA LEU A 327 -1.00 -1.75 17.02
C LEU A 327 -0.44 -2.61 18.15
N GLY A 328 0.87 -2.86 18.12
CA GLY A 328 1.50 -3.62 19.20
C GLY A 328 1.40 -2.91 20.53
N SER A 329 1.59 -1.60 20.54
CA SER A 329 1.51 -0.84 21.79
C SER A 329 0.10 -0.87 22.35
N TYR A 330 -0.91 -0.79 21.49
CA TYR A 330 -2.29 -0.87 21.95
C TYR A 330 -2.57 -2.21 22.63
N ASN A 331 -1.89 -3.27 22.20
CA ASN A 331 -2.09 -4.58 22.79
C ASN A 331 -1.49 -4.64 24.19
N ARG A 332 -2.01 -5.56 25.00
CA ARG A 332 -1.49 -5.77 26.34
C ARG A 332 -0.16 -6.50 26.29
N PHE A 333 0.61 -6.37 27.37
CA PHE A 333 1.89 -7.06 27.47
C PHE A 333 1.69 -8.57 27.41
N ASN A 334 0.73 -9.09 28.17
CA ASN A 334 0.44 -10.52 28.19
C ASN A 334 -0.56 -10.83 27.09
N ASN A 335 -0.04 -10.92 25.86
CA ASN A 335 -0.87 -11.19 24.70
C ASN A 335 -0.17 -12.19 23.79
N ASN A 336 -0.97 -12.94 23.04
CA ASN A 336 -0.46 -13.98 22.14
C ASN A 336 -0.16 -13.37 20.77
N CYS A 337 0.98 -12.68 20.71
CA CYS A 337 1.34 -11.92 19.51
C CYS A 337 1.74 -12.82 18.34
N TYR A 338 2.27 -14.01 18.60
CA TYR A 338 2.74 -14.85 17.50
C TYR A 338 1.58 -15.32 16.64
N LYS A 339 0.54 -15.87 17.27
CA LYS A 339 -0.65 -16.26 16.52
C LYS A 339 -1.30 -15.06 15.87
N ASP A 340 -1.28 -13.90 16.54
CA ASP A 340 -1.78 -12.68 15.92
C ASP A 340 -1.07 -12.39 14.61
N ALA A 341 0.26 -12.40 14.63
CA ALA A 341 1.02 -12.08 13.44
C ALA A 341 0.75 -13.09 12.33
N ILE A 342 0.72 -14.37 12.68
CA ILE A 342 0.51 -15.40 11.66
C ILE A 342 -0.87 -15.24 11.03
N ILE A 343 -1.89 -15.01 11.84
CA ILE A 343 -3.25 -14.91 11.31
C ILE A 343 -3.43 -13.63 10.50
N LEU A 344 -2.85 -12.51 10.95
CA LEU A 344 -2.92 -11.31 10.11
C LEU A 344 -2.21 -11.50 8.79
N ALA A 345 -1.04 -12.15 8.80
CA ALA A 345 -0.37 -12.43 7.54
C ALA A 345 -1.23 -13.30 6.64
N LEU A 346 -1.87 -14.32 7.21
CA LEU A 346 -2.73 -15.19 6.44
C LEU A 346 -3.93 -14.43 5.89
N ILE A 347 -4.52 -13.54 6.69
CA ILE A 347 -5.68 -12.78 6.23
C ILE A 347 -5.31 -11.83 5.12
N ASN A 348 -4.19 -11.09 5.27
CA ASN A 348 -3.77 -10.18 4.23
C ASN A 348 -3.46 -10.93 2.94
N SER A 349 -2.71 -12.03 3.04
CA SER A 349 -2.37 -12.80 1.86
C SER A 349 -3.60 -13.42 1.22
N GLY A 350 -4.52 -13.94 2.03
CA GLY A 350 -5.72 -14.55 1.48
C GLY A 350 -6.65 -13.55 0.84
N THR A 351 -6.79 -12.37 1.45
CA THR A 351 -7.60 -11.33 0.83
C THR A 351 -6.99 -10.85 -0.48
N SER A 352 -5.66 -10.71 -0.52
CA SER A 352 -5.00 -10.36 -1.77
C SER A 352 -5.21 -11.44 -2.82
N PHE A 353 -5.09 -12.71 -2.42
CA PHE A 353 -5.27 -13.82 -3.35
C PHE A 353 -6.71 -13.86 -3.87
N PHE A 354 -7.67 -13.59 -3.00
CA PHE A 354 -9.08 -13.57 -3.40
C PHE A 354 -9.37 -12.42 -4.36
N ALA A 355 -8.82 -11.24 -4.07
CA ALA A 355 -8.96 -10.11 -4.97
C ALA A 355 -8.32 -10.43 -6.32
N GLY A 356 -7.18 -11.11 -6.30
CA GLY A 356 -6.57 -11.56 -7.54
C GLY A 356 -7.45 -12.53 -8.30
N PHE A 357 -8.10 -13.45 -7.59
CA PHE A 357 -9.06 -14.35 -8.22
C PHE A 357 -10.11 -13.55 -8.98
N VAL A 358 -10.74 -12.61 -8.31
CA VAL A 358 -11.80 -11.82 -8.95
C VAL A 358 -11.25 -11.06 -10.15
N VAL A 359 -10.14 -10.35 -9.94
CA VAL A 359 -9.61 -9.47 -10.98
C VAL A 359 -9.20 -10.28 -12.20
N PHE A 360 -8.48 -11.39 -11.98
CA PHE A 360 -7.98 -12.15 -13.12
C PHE A 360 -9.06 -12.98 -13.79
N SER A 361 -10.12 -13.37 -13.07
CA SER A 361 -11.27 -13.92 -13.75
C SER A 361 -11.89 -12.90 -14.69
N ILE A 362 -12.00 -11.65 -14.22
CA ILE A 362 -12.54 -10.60 -15.07
C ILE A 362 -11.65 -10.34 -16.27
N LEU A 363 -10.32 -10.32 -16.05
CA LEU A 363 -9.39 -10.17 -17.16
C LEU A 363 -9.49 -11.32 -18.15
N GLY A 364 -9.69 -12.54 -17.67
CA GLY A 364 -9.88 -13.65 -18.59
C GLY A 364 -11.13 -13.49 -19.42
N PHE A 365 -12.22 -13.05 -18.79
CA PHE A 365 -13.44 -12.79 -19.55
C PHE A 365 -13.20 -11.71 -20.59
N MET A 366 -12.51 -10.64 -20.22
CA MET A 366 -12.25 -9.56 -21.17
C MET A 366 -11.33 -10.03 -22.29
N ALA A 367 -10.35 -10.88 -21.97
CA ALA A 367 -9.46 -11.38 -23.02
C ALA A 367 -10.22 -12.25 -24.01
N ALA A 368 -11.15 -13.08 -23.51
CA ALA A 368 -11.96 -13.88 -24.41
C ALA A 368 -12.89 -13.01 -25.24
N GLU A 369 -13.39 -11.92 -24.67
CA GLU A 369 -14.41 -11.12 -25.35
C GLU A 369 -13.78 -10.13 -26.33
N GLN A 370 -12.71 -9.45 -25.93
CA GLN A 370 -11.93 -8.61 -26.84
C GLN A 370 -11.34 -9.42 -27.99
N GLY A 371 -10.75 -10.57 -27.68
CA GLY A 371 -9.93 -11.28 -28.63
C GLY A 371 -8.45 -10.92 -28.57
N VAL A 372 -8.07 -9.99 -27.70
CA VAL A 372 -6.67 -9.61 -27.54
C VAL A 372 -6.07 -10.45 -26.41
N HIS A 373 -4.75 -10.55 -26.42
CA HIS A 373 -4.05 -11.40 -25.46
C HIS A 373 -4.26 -10.90 -24.03
N ILE A 374 -4.22 -11.82 -23.09
CA ILE A 374 -4.50 -11.52 -21.69
C ILE A 374 -3.52 -10.48 -21.14
N SER A 375 -2.28 -10.48 -21.64
CA SER A 375 -1.28 -9.56 -21.12
C SER A 375 -1.47 -8.13 -21.58
N LYS A 376 -2.37 -7.88 -22.54
CA LYS A 376 -2.55 -6.55 -23.10
C LYS A 376 -3.99 -6.05 -22.99
N VAL A 377 -4.84 -6.74 -22.24
CA VAL A 377 -6.26 -6.38 -22.20
C VAL A 377 -6.46 -5.04 -21.50
N ALA A 378 -5.88 -4.89 -20.31
CA ALA A 378 -6.15 -3.75 -19.46
C ALA A 378 -4.86 -3.00 -19.16
N GLU A 379 -5.01 -1.85 -18.51
CA GLU A 379 -3.86 -1.01 -18.18
C GLU A 379 -2.99 -1.70 -17.15
N SER A 380 -1.67 -1.72 -17.41
CA SER A 380 -0.75 -2.38 -16.50
C SER A 380 -0.37 -1.52 -15.31
N GLY A 381 -0.81 -0.26 -15.28
CA GLY A 381 -0.51 0.63 -14.20
C GLY A 381 -1.47 0.48 -13.04
N PRO A 382 -1.59 1.52 -12.21
CA PRO A 382 -2.45 1.43 -11.02
C PRO A 382 -3.94 1.38 -11.32
N GLY A 383 -4.35 1.60 -12.57
CA GLY A 383 -5.75 1.68 -12.87
C GLY A 383 -6.46 0.36 -13.08
N LEU A 384 -5.77 -0.77 -12.97
CA LEU A 384 -6.41 -2.05 -13.27
C LEU A 384 -7.60 -2.30 -12.35
N ALA A 385 -7.49 -1.95 -11.07
CA ALA A 385 -8.62 -2.14 -10.17
C ALA A 385 -9.83 -1.32 -10.57
N PHE A 386 -9.65 -0.24 -11.32
CA PHE A 386 -10.75 0.54 -11.85
C PHE A 386 -11.11 0.16 -13.27
N ILE A 387 -10.40 -0.81 -13.86
CA ILE A 387 -10.76 -1.37 -15.15
C ILE A 387 -11.45 -2.72 -15.00
N ALA A 388 -10.94 -3.57 -14.11
CA ALA A 388 -11.50 -4.90 -13.93
C ALA A 388 -12.78 -4.85 -13.10
N TYR A 389 -12.68 -4.33 -11.88
CA TYR A 389 -13.79 -4.38 -10.95
C TYR A 389 -15.07 -3.74 -11.49
N PRO A 390 -15.05 -2.51 -12.03
CA PRO A 390 -16.31 -1.97 -12.58
C PRO A 390 -16.91 -2.82 -13.68
N ARG A 391 -16.07 -3.43 -14.53
CA ARG A 391 -16.60 -4.29 -15.57
C ARG A 391 -17.40 -5.45 -14.98
N ALA A 392 -16.89 -6.05 -13.91
CA ALA A 392 -17.65 -7.08 -13.19
C ALA A 392 -19.03 -6.56 -12.83
N VAL A 393 -19.11 -5.33 -12.36
CA VAL A 393 -20.40 -4.76 -11.98
C VAL A 393 -21.33 -4.70 -13.19
N THR A 394 -20.78 -4.35 -14.36
CA THR A 394 -21.59 -4.31 -15.57
C THR A 394 -22.17 -5.68 -15.89
N LEU A 395 -21.52 -6.74 -15.42
CA LEU A 395 -22.02 -8.09 -15.65
C LEU A 395 -23.09 -8.50 -14.65
N MET A 396 -23.27 -7.74 -13.57
CA MET A 396 -24.27 -8.07 -12.58
C MET A 396 -25.68 -7.79 -13.13
N PRO A 397 -26.71 -8.45 -12.59
CA PRO A 397 -28.08 -8.19 -13.06
C PRO A 397 -28.53 -6.76 -12.79
N VAL A 398 -28.49 -6.34 -11.52
CA VAL A 398 -28.83 -4.96 -11.15
C VAL A 398 -27.50 -4.22 -11.05
N ALA A 399 -27.06 -3.66 -12.17
CA ALA A 399 -25.73 -3.05 -12.22
C ALA A 399 -25.57 -1.86 -11.28
N PRO A 400 -26.43 -0.84 -11.29
CA PRO A 400 -26.17 0.33 -10.43
C PRO A 400 -26.12 0.00 -8.96
N LEU A 401 -26.96 -0.92 -8.48
CA LEU A 401 -26.96 -1.27 -7.07
C LEU A 401 -25.63 -1.90 -6.67
N TRP A 402 -25.14 -2.84 -7.48
CA TRP A 402 -23.87 -3.49 -7.15
C TRP A 402 -22.70 -2.54 -7.33
N ALA A 403 -22.79 -1.59 -8.28
CA ALA A 403 -21.75 -0.57 -8.39
C ALA A 403 -21.68 0.25 -7.11
N ALA A 404 -22.83 0.72 -6.64
CA ALA A 404 -22.87 1.49 -5.41
C ALA A 404 -22.33 0.68 -4.25
N LEU A 405 -22.74 -0.59 -4.14
CA LEU A 405 -22.30 -1.41 -3.00
C LEU A 405 -20.79 -1.63 -3.04
N PHE A 406 -20.27 -2.04 -4.20
CA PHE A 406 -18.84 -2.32 -4.31
C PHE A 406 -18.02 -1.06 -4.05
N PHE A 407 -18.36 0.05 -4.69
CA PHE A 407 -17.57 1.25 -4.51
C PHE A 407 -17.73 1.81 -3.11
N PHE A 408 -18.88 1.58 -2.49
CA PHE A 408 -19.06 1.96 -1.10
C PHE A 408 -18.12 1.17 -0.20
N MET A 409 -18.00 -0.14 -0.44
CA MET A 409 -17.08 -0.94 0.37
C MET A 409 -15.63 -0.52 0.12
N LEU A 410 -15.28 -0.27 -1.14
CA LEU A 410 -13.92 0.17 -1.45
C LEU A 410 -13.63 1.50 -0.76
N LEU A 411 -14.59 2.40 -0.79
CA LEU A 411 -14.43 3.70 -0.14
C LEU A 411 -14.26 3.53 1.37
N LEU A 412 -15.03 2.62 1.96
CA LEU A 412 -14.90 2.37 3.39
C LEU A 412 -13.53 1.81 3.74
N LEU A 413 -13.04 0.87 2.94
CA LEU A 413 -11.72 0.30 3.20
C LEU A 413 -10.64 1.37 3.12
N GLY A 414 -10.69 2.17 2.05
CA GLY A 414 -9.70 3.22 1.90
C GLY A 414 -9.77 4.25 3.01
N LEU A 415 -10.99 4.63 3.41
CA LEU A 415 -11.13 5.59 4.49
C LEU A 415 -10.63 5.04 5.81
N ASP A 416 -10.87 3.77 6.08
CA ASP A 416 -10.34 3.17 7.31
C ASP A 416 -8.82 3.22 7.32
N SER A 417 -8.19 2.79 6.23
CA SER A 417 -6.74 2.81 6.16
C SER A 417 -6.20 4.23 6.28
N GLN A 418 -6.86 5.18 5.62
CA GLN A 418 -6.37 6.55 5.61
C GLN A 418 -6.58 7.22 6.97
N PHE A 419 -7.68 6.89 7.65
CA PHE A 419 -7.87 7.37 9.02
C PHE A 419 -6.73 6.90 9.90
N VAL A 420 -6.39 5.61 9.82
CA VAL A 420 -5.31 5.09 10.65
C VAL A 420 -4.00 5.81 10.32
N GLY A 421 -3.71 5.96 9.02
CA GLY A 421 -2.46 6.59 8.62
C GLY A 421 -2.35 8.04 9.07
N VAL A 422 -3.40 8.82 8.84
CA VAL A 422 -3.37 10.23 9.17
C VAL A 422 -3.33 10.41 10.69
N GLU A 423 -4.09 9.60 11.43
CA GLU A 423 -4.03 9.68 12.87
C GLU A 423 -2.65 9.37 13.39
N GLY A 424 -2.01 8.32 12.85
CA GLY A 424 -0.65 8.01 13.26
C GLY A 424 0.32 9.14 12.95
N PHE A 425 0.19 9.74 11.77
CA PHE A 425 1.09 10.82 11.39
C PHE A 425 0.90 12.03 12.30
N ILE A 426 -0.36 12.35 12.63
CA ILE A 426 -0.63 13.47 13.53
C ILE A 426 -0.06 13.20 14.92
N THR A 427 -0.26 11.98 15.43
CA THR A 427 0.30 11.65 16.74
C THR A 427 1.81 11.75 16.73
N GLY A 428 2.45 11.30 15.65
CA GLY A 428 3.89 11.40 15.56
C GLY A 428 4.37 12.84 15.56
N LEU A 429 3.71 13.71 14.78
CA LEU A 429 4.10 15.11 14.77
C LEU A 429 3.92 15.76 16.13
N LEU A 430 2.77 15.55 16.77
CA LEU A 430 2.53 16.18 18.07
C LEU A 430 3.49 15.66 19.12
N ASP A 431 3.93 14.40 18.99
CA ASP A 431 4.97 13.90 19.87
C ASP A 431 6.30 14.56 19.58
N LEU A 432 6.61 14.77 18.30
CA LEU A 432 7.90 15.35 17.93
C LEU A 432 8.01 16.79 18.41
N LEU A 433 6.95 17.58 18.23
CA LEU A 433 7.02 19.00 18.57
C LEU A 433 7.16 19.17 20.07
N PRO A 434 8.07 20.02 20.53
CA PRO A 434 8.27 20.20 21.98
C PRO A 434 7.06 20.87 22.62
N ALA A 435 7.01 20.76 23.95
CA ALA A 435 5.90 21.33 24.71
C ALA A 435 5.84 22.84 24.55
N SER A 436 6.97 23.48 24.26
CA SER A 436 6.97 24.94 24.06
C SER A 436 6.16 25.33 22.83
N TYR A 437 6.12 24.45 21.83
CA TYR A 437 5.30 24.68 20.63
C TYR A 437 3.91 24.06 20.80
N TYR A 438 3.27 24.40 21.92
CA TYR A 438 1.93 23.89 22.22
C TYR A 438 0.91 24.88 21.66
N PHE A 439 0.31 24.52 20.53
CA PHE A 439 -0.71 25.36 19.93
C PHE A 439 -1.97 25.34 20.79
N ARG A 440 -2.75 26.42 20.70
CA ARG A 440 -4.02 26.49 21.41
C ARG A 440 -5.00 25.43 20.91
N PHE A 441 -5.05 25.24 19.59
CA PHE A 441 -5.92 24.27 18.94
C PHE A 441 -5.09 23.21 18.21
N GLN A 442 -4.04 22.72 18.87
CA GLN A 442 -3.03 21.90 18.21
C GLN A 442 -3.61 20.71 17.47
N ARG A 443 -4.66 20.08 18.01
CA ARG A 443 -5.28 18.94 17.35
C ARG A 443 -5.88 19.34 16.00
N GLU A 444 -6.89 20.21 16.04
CA GLU A 444 -7.59 20.60 14.81
C GLU A 444 -6.67 21.38 13.89
N ILE A 445 -5.81 22.24 14.45
CA ILE A 445 -4.88 23.00 13.61
C ILE A 445 -3.94 22.06 12.89
N SER A 446 -3.39 21.07 13.61
CA SER A 446 -2.43 20.16 13.00
C SER A 446 -3.09 19.34 11.90
N VAL A 447 -4.29 18.80 12.18
CA VAL A 447 -4.94 17.98 11.16
C VAL A 447 -5.37 18.84 9.97
N ALA A 448 -5.78 20.08 10.22
CA ALA A 448 -6.15 20.96 9.12
C ALA A 448 -4.94 21.28 8.24
N LEU A 449 -3.80 21.60 8.85
CA LEU A 449 -2.60 21.87 8.08
C LEU A 449 -2.16 20.64 7.28
N CYS A 450 -2.19 19.46 7.90
CA CYS A 450 -1.81 18.26 7.18
C CYS A 450 -2.73 18.02 6.00
N CYS A 451 -4.04 18.17 6.21
CA CYS A 451 -4.98 17.95 5.11
C CYS A 451 -4.78 18.97 4.00
N ALA A 452 -4.58 20.23 4.35
CA ALA A 452 -4.40 21.28 3.35
C ALA A 452 -3.13 21.06 2.54
N LEU A 453 -2.03 20.73 3.22
CA LEU A 453 -0.77 20.49 2.52
C LEU A 453 -0.87 19.28 1.61
N CYS A 454 -1.49 18.20 2.10
CA CYS A 454 -1.64 17.01 1.29
C CYS A 454 -2.53 17.29 0.07
N PHE A 455 -3.56 18.13 0.26
CA PHE A 455 -4.40 18.52 -0.87
C PHE A 455 -3.62 19.34 -1.88
N VAL A 456 -2.77 20.24 -1.42
CA VAL A 456 -1.95 21.05 -2.33
C VAL A 456 -1.04 20.15 -3.14
N ILE A 457 -0.42 19.16 -2.49
CA ILE A 457 0.41 18.21 -3.22
C ILE A 457 -0.43 17.39 -4.18
N ASP A 458 -1.66 17.05 -3.79
CA ASP A 458 -2.50 16.19 -4.60
C ASP A 458 -3.01 16.90 -5.84
N LEU A 459 -3.03 18.24 -5.81
CA LEU A 459 -3.43 18.98 -7.01
C LEU A 459 -2.54 18.61 -8.20
N SER A 460 -1.31 18.18 -7.92
CA SER A 460 -0.44 17.69 -8.98
C SER A 460 -0.95 16.41 -9.62
N MET A 461 -1.59 15.52 -8.85
CA MET A 461 -2.08 14.25 -9.39
C MET A 461 -3.46 14.34 -10.01
N VAL A 462 -4.16 15.47 -9.86
CA VAL A 462 -5.48 15.63 -10.46
C VAL A 462 -5.41 16.16 -11.88
N THR A 463 -4.30 16.81 -12.24
CA THR A 463 -4.12 17.39 -13.56
C THR A 463 -4.13 16.29 -14.62
N ASP A 464 -4.20 16.69 -15.89
CA ASP A 464 -4.30 15.73 -16.98
C ASP A 464 -3.16 14.72 -16.94
N GLY A 465 -1.93 15.20 -16.74
CA GLY A 465 -0.81 14.30 -16.55
C GLY A 465 -0.66 13.79 -15.15
N GLY A 466 -1.59 14.14 -14.26
CA GLY A 466 -1.41 13.84 -12.85
C GLY A 466 -1.27 12.36 -12.55
N MET A 467 -1.95 11.52 -13.32
CA MET A 467 -1.81 10.07 -13.13
C MET A 467 -0.35 9.67 -13.14
N TYR A 468 0.43 10.25 -14.06
CA TYR A 468 1.85 9.93 -14.13
C TYR A 468 2.53 10.19 -12.80
N VAL A 469 2.27 11.36 -12.20
CA VAL A 469 2.87 11.67 -10.91
C VAL A 469 2.47 10.62 -9.88
N PHE A 470 1.22 10.15 -9.95
CA PHE A 470 0.76 9.11 -9.04
C PHE A 470 1.68 7.89 -9.10
N GLN A 471 2.10 7.51 -10.31
CA GLN A 471 3.00 6.38 -10.44
C GLN A 471 4.30 6.62 -9.69
N LEU A 472 4.83 7.84 -9.77
CA LEU A 472 6.03 8.17 -9.00
C LEU A 472 5.76 8.14 -7.51
N PHE A 473 4.53 8.43 -7.09
CA PHE A 473 4.16 8.24 -5.69
C PHE A 473 3.90 6.78 -5.35
N ASP A 474 3.66 5.93 -6.33
CA ASP A 474 3.41 4.52 -6.08
C ASP A 474 4.69 3.69 -6.11
N TYR A 475 5.46 3.80 -7.18
CA TYR A 475 6.63 2.95 -7.34
C TYR A 475 7.78 3.36 -6.43
N TYR A 476 7.89 4.65 -6.10
CA TYR A 476 9.09 5.17 -5.46
C TYR A 476 8.88 5.65 -4.03
N SER A 477 7.82 6.42 -3.76
CA SER A 477 7.71 7.09 -2.47
C SER A 477 7.50 6.09 -1.34
N ALA A 478 6.54 5.19 -1.49
CA ALA A 478 6.23 4.20 -0.46
C ALA A 478 6.79 2.83 -0.82
N SER A 479 6.44 2.31 -1.98
CA SER A 479 6.96 1.02 -2.44
C SER A 479 8.36 1.20 -3.01
N GLY A 480 8.85 0.16 -3.65
CA GLY A 480 10.14 0.24 -4.31
C GLY A 480 11.30 0.13 -3.33
N THR A 481 12.41 0.76 -3.72
CA THR A 481 13.66 0.58 -3.00
C THR A 481 13.58 1.07 -1.56
N THR A 482 12.78 2.11 -1.30
CA THR A 482 12.75 2.70 0.03
C THR A 482 12.24 1.70 1.06
N LEU A 483 11.24 0.90 0.71
CA LEU A 483 10.71 -0.07 1.67
C LEU A 483 11.71 -1.18 1.95
N LEU A 484 12.43 -1.63 0.92
CA LEU A 484 13.47 -2.62 1.16
C LEU A 484 14.55 -2.05 2.08
N TRP A 485 14.96 -0.81 1.84
CA TRP A 485 15.97 -0.19 2.70
C TRP A 485 15.48 -0.12 4.14
N GLN A 486 14.24 0.32 4.33
CA GLN A 486 13.69 0.45 5.67
C GLN A 486 13.62 -0.90 6.37
N ALA A 487 13.09 -1.93 5.68
CA ALA A 487 12.96 -3.24 6.29
C ALA A 487 14.32 -3.86 6.60
N PHE A 488 15.28 -3.71 5.67
CA PHE A 488 16.61 -4.23 5.91
C PHE A 488 17.24 -3.59 7.14
N TRP A 489 17.10 -2.27 7.27
CA TRP A 489 17.66 -1.62 8.45
C TRP A 489 16.90 -2.02 9.71
N GLU A 490 15.59 -2.27 9.61
CA GLU A 490 14.84 -2.82 10.74
C GLU A 490 15.46 -4.12 11.22
N CYS A 491 15.68 -5.05 10.29
CA CYS A 491 16.27 -6.33 10.65
C CYS A 491 17.65 -6.15 11.26
N VAL A 492 18.48 -5.30 10.66
CA VAL A 492 19.85 -5.13 11.14
C VAL A 492 19.86 -4.55 12.54
N VAL A 493 19.03 -3.53 12.79
CA VAL A 493 19.05 -2.88 14.09
C VAL A 493 18.49 -3.81 15.17
N VAL A 494 17.47 -4.60 14.83
CA VAL A 494 16.87 -5.42 15.88
C VAL A 494 17.68 -6.68 16.14
N ALA A 495 18.33 -7.22 15.12
CA ALA A 495 19.02 -8.50 15.24
C ALA A 495 20.50 -8.34 15.50
N TRP A 496 21.18 -7.52 14.71
CA TRP A 496 22.64 -7.45 14.81
C TRP A 496 23.09 -6.42 15.83
N VAL A 497 22.25 -5.44 16.14
CA VAL A 497 22.62 -4.41 17.11
C VAL A 497 22.06 -4.76 18.48
N TYR A 498 20.74 -4.89 18.57
CA TYR A 498 20.11 -5.20 19.85
C TYR A 498 20.42 -6.62 20.30
N GLY A 499 20.38 -7.57 19.37
CA GLY A 499 20.62 -8.96 19.70
C GLY A 499 19.42 -9.85 19.46
N ALA A 500 19.51 -10.70 18.44
CA ALA A 500 18.38 -11.58 18.12
C ALA A 500 18.08 -12.55 19.25
N ASP A 501 19.13 -13.10 19.88
CA ASP A 501 18.92 -14.05 20.96
C ASP A 501 18.31 -13.37 22.18
N ARG A 502 18.80 -12.18 22.53
CA ARG A 502 18.21 -11.44 23.63
C ARG A 502 16.76 -11.06 23.31
N PHE A 503 16.49 -10.71 22.06
CA PHE A 503 15.12 -10.42 21.66
C PHE A 503 14.24 -11.65 21.78
N MET A 504 14.77 -12.83 21.42
CA MET A 504 14.02 -14.07 21.58
C MET A 504 13.72 -14.35 23.04
N ASP A 505 14.68 -14.10 23.93
CA ASP A 505 14.40 -14.23 25.36
C ASP A 505 13.30 -13.26 25.79
N ASP A 506 13.32 -12.04 25.24
CA ASP A 506 12.27 -11.09 25.53
C ASP A 506 10.91 -11.59 25.07
N ILE A 507 10.85 -12.17 23.86
CA ILE A 507 9.60 -12.71 23.36
C ILE A 507 9.12 -13.85 24.24
N ALA A 508 10.05 -14.71 24.67
CA ALA A 508 9.69 -15.82 25.54
C ALA A 508 9.11 -15.32 26.86
N CYS A 509 9.70 -14.27 27.42
CA CYS A 509 9.13 -13.67 28.64
C CYS A 509 7.75 -13.09 28.36
N MET A 510 7.59 -12.42 27.22
CA MET A 510 6.33 -11.75 26.90
C MET A 510 5.20 -12.74 26.71
N ILE A 511 5.45 -13.81 25.96
CA ILE A 511 4.41 -14.74 25.54
C ILE A 511 4.49 -16.09 26.25
N GLY A 512 5.47 -16.28 27.13
CA GLY A 512 5.60 -17.52 27.86
C GLY A 512 6.47 -18.53 27.12
N TYR A 513 5.97 -19.04 26.01
CA TYR A 513 6.69 -20.03 25.22
C TYR A 513 7.59 -19.33 24.21
N ARG A 514 8.32 -20.11 23.42
CA ARG A 514 9.34 -19.57 22.54
C ARG A 514 8.98 -19.83 21.08
N PRO A 515 9.16 -18.85 20.19
CA PRO A 515 8.79 -19.04 18.79
C PRO A 515 9.74 -19.97 18.06
N CYS A 516 9.35 -20.33 16.84
CA CYS A 516 10.14 -21.25 16.04
C CYS A 516 11.49 -20.64 15.70
N PRO A 517 12.52 -21.47 15.55
CA PRO A 517 13.84 -20.93 15.20
C PRO A 517 13.88 -20.25 13.85
N TRP A 518 12.92 -20.57 12.97
CA TRP A 518 12.83 -19.94 11.66
C TRP A 518 12.77 -18.42 11.79
N MET A 519 12.19 -17.92 12.88
CA MET A 519 12.06 -16.47 13.04
C MET A 519 13.42 -15.80 13.19
N LYS A 520 14.25 -16.29 14.12
CA LYS A 520 15.55 -15.67 14.31
C LYS A 520 16.47 -15.97 13.14
N TRP A 521 16.31 -17.12 12.49
CA TRP A 521 17.07 -17.35 11.27
C TRP A 521 16.69 -16.35 10.18
N CYS A 522 15.40 -16.02 10.08
CA CYS A 522 14.95 -15.05 9.09
C CYS A 522 15.51 -13.67 9.40
N TRP A 523 15.45 -13.25 10.66
CA TRP A 523 15.91 -11.92 11.01
C TRP A 523 17.43 -11.79 10.92
N SER A 524 18.15 -12.85 11.29
CA SER A 524 19.60 -12.75 11.36
C SER A 524 20.21 -12.59 9.97
N PHE A 525 20.11 -13.62 9.13
CA PHE A 525 20.82 -13.58 7.85
C PHE A 525 19.97 -14.12 6.70
N PHE A 526 18.65 -14.08 6.81
CA PHE A 526 17.78 -14.43 5.70
C PHE A 526 17.05 -13.22 5.12
N THR A 527 16.25 -12.53 5.93
CA THR A 527 15.54 -11.37 5.41
C THR A 527 16.49 -10.22 5.03
N PRO A 528 17.47 -9.83 5.86
CA PRO A 528 18.41 -8.81 5.39
C PRO A 528 19.12 -9.19 4.11
N LEU A 529 19.55 -10.45 4.00
CA LEU A 529 20.25 -10.88 2.79
C LEU A 529 19.33 -10.85 1.58
N VAL A 530 18.07 -11.27 1.73
CA VAL A 530 17.15 -11.24 0.62
C VAL A 530 16.87 -9.80 0.17
N CYS A 531 16.62 -8.91 1.14
CA CYS A 531 16.38 -7.51 0.80
C CYS A 531 17.59 -6.90 0.12
N MET A 532 18.79 -7.16 0.65
CA MET A 532 20.00 -6.63 0.05
C MET A 532 20.21 -7.19 -1.35
N GLY A 533 19.91 -8.47 -1.55
CA GLY A 533 20.08 -9.06 -2.87
C GLY A 533 19.14 -8.46 -3.90
N ILE A 534 17.89 -8.23 -3.52
CA ILE A 534 16.96 -7.58 -4.44
C ILE A 534 17.42 -6.16 -4.73
N PHE A 535 17.90 -5.45 -3.71
CA PHE A 535 18.44 -4.11 -3.91
C PHE A 535 19.60 -4.10 -4.90
N ILE A 536 20.54 -5.03 -4.73
CA ILE A 536 21.71 -5.09 -5.60
C ILE A 536 21.33 -5.46 -7.02
N PHE A 537 20.44 -6.44 -7.18
CA PHE A 537 20.01 -6.79 -8.53
C PHE A 537 19.23 -5.64 -9.17
N ASN A 538 18.57 -4.83 -8.37
CA ASN A 538 17.90 -3.65 -8.90
C ASN A 538 18.91 -2.63 -9.41
N VAL A 539 19.91 -2.29 -8.59
CA VAL A 539 20.84 -1.23 -8.99
C VAL A 539 21.74 -1.69 -10.13
N VAL A 540 22.14 -2.97 -10.12
CA VAL A 540 23.03 -3.46 -11.16
C VAL A 540 22.32 -3.54 -12.50
N TYR A 541 21.06 -3.96 -12.50
CA TYR A 541 20.29 -4.12 -13.73
C TYR A 541 19.13 -3.13 -13.77
N TYR A 542 19.40 -1.87 -13.41
CA TYR A 542 18.36 -0.86 -13.33
C TYR A 542 17.63 -0.72 -14.66
N GLU A 543 16.30 -0.65 -14.58
CA GLU A 543 15.45 -0.39 -15.72
C GLU A 543 14.62 0.86 -15.44
N PRO A 544 14.60 1.83 -16.35
CA PRO A 544 13.75 3.01 -16.13
C PRO A 544 12.30 2.62 -15.97
N LEU A 545 11.62 3.28 -15.04
CA LEU A 545 10.21 2.98 -14.80
C LEU A 545 9.37 3.39 -16.01
N VAL A 546 8.48 2.50 -16.42
CA VAL A 546 7.65 2.70 -17.60
C VAL A 546 6.19 2.55 -17.19
N TYR A 547 5.35 3.49 -17.63
CA TYR A 547 3.94 3.49 -17.28
C TYR A 547 3.15 2.79 -18.37
N ASN A 548 2.42 1.74 -18.00
CA ASN A 548 1.57 0.99 -18.92
C ASN A 548 2.37 0.46 -20.11
N ASN A 549 3.63 0.10 -19.87
CA ASN A 549 4.57 -0.44 -20.87
C ASN A 549 4.57 0.37 -22.17
N THR A 550 4.15 1.62 -22.12
CA THR A 550 4.09 2.49 -23.29
C THR A 550 4.94 3.74 -23.13
N TYR A 551 4.83 4.43 -22.00
CA TYR A 551 5.52 5.68 -21.76
C TYR A 551 6.74 5.43 -20.88
N VAL A 552 7.92 5.69 -21.42
CA VAL A 552 9.15 5.62 -20.64
C VAL A 552 9.39 6.96 -19.98
N TYR A 553 9.70 6.93 -18.68
CA TYR A 553 9.82 8.17 -17.92
C TYR A 553 11.10 8.90 -18.30
N PRO A 554 11.07 10.23 -18.37
CA PRO A 554 12.30 10.99 -18.65
C PRO A 554 13.20 11.05 -17.43
N TRP A 555 14.36 11.71 -17.57
CA TRP A 555 15.33 11.71 -16.48
C TRP A 555 14.86 12.56 -15.30
N TRP A 556 14.09 13.61 -15.54
CA TRP A 556 13.65 14.43 -14.41
C TRP A 556 12.54 13.76 -13.60
N GLY A 557 11.67 12.99 -14.24
CA GLY A 557 10.67 12.23 -13.49
C GLY A 557 11.33 11.18 -12.62
N GLU A 558 12.27 10.44 -13.18
CA GLU A 558 13.09 9.54 -12.40
C GLU A 558 13.81 10.27 -11.27
N ALA A 559 14.32 11.48 -11.55
CA ALA A 559 15.02 12.24 -10.52
C ALA A 559 14.08 12.61 -9.38
N MET A 560 12.84 12.98 -9.71
CA MET A 560 11.88 13.34 -8.66
C MET A 560 11.51 12.11 -7.84
N GLY A 561 11.28 10.98 -8.52
CA GLY A 561 10.98 9.75 -7.79
C GLY A 561 12.11 9.36 -6.87
N TRP A 562 13.35 9.43 -7.36
CA TRP A 562 14.51 9.19 -6.51
C TRP A 562 14.67 10.24 -5.43
N ALA A 563 14.16 11.47 -5.66
CA ALA A 563 14.15 12.46 -4.59
C ALA A 563 13.26 12.00 -3.45
N PHE A 564 12.07 11.47 -3.79
CA PHE A 564 11.22 10.88 -2.76
C PHE A 564 11.92 9.72 -2.07
N ALA A 565 12.56 8.85 -2.86
CA ALA A 565 13.22 7.68 -2.30
C ALA A 565 14.32 8.08 -1.33
N LEU A 566 15.20 9.00 -1.74
CA LEU A 566 16.28 9.44 -0.86
C LEU A 566 15.74 10.22 0.33
N SER A 567 14.68 11.01 0.15
CA SER A 567 14.09 11.69 1.30
C SER A 567 13.62 10.69 2.34
N SER A 568 13.10 9.55 1.91
CA SER A 568 12.71 8.52 2.87
C SER A 568 13.93 7.81 3.45
N MET A 569 14.92 7.49 2.61
CA MET A 569 16.03 6.64 3.04
C MET A 569 17.03 7.37 3.93
N LEU A 570 17.32 8.64 3.62
CA LEU A 570 18.40 9.37 4.28
C LEU A 570 18.12 9.65 5.74
N CYS A 571 16.88 9.43 6.21
CA CYS A 571 16.57 9.70 7.60
C CYS A 571 17.44 8.89 8.55
N VAL A 572 17.77 7.65 8.19
CA VAL A 572 18.58 6.80 9.06
C VAL A 572 20.04 7.26 9.04
N PRO A 573 20.72 7.32 7.89
CA PRO A 573 22.14 7.74 7.93
C PRO A 573 22.34 9.15 8.42
N LEU A 574 21.47 10.09 8.05
CA LEU A 574 21.64 11.46 8.52
C LEU A 574 21.45 11.55 10.03
N HIS A 575 20.44 10.86 10.57
CA HIS A 575 20.25 10.87 12.02
C HIS A 575 21.42 10.17 12.72
N LEU A 576 21.97 9.15 12.07
CA LEU A 576 23.20 8.51 12.54
C LEU A 576 24.34 9.51 12.69
N LEU A 577 24.64 10.24 11.62
CA LEU A 577 25.73 11.21 11.67
C LEU A 577 25.43 12.34 12.64
N GLY A 578 24.16 12.74 12.74
CA GLY A 578 23.81 13.76 13.70
C GLY A 578 24.10 13.34 15.12
N CYS A 579 23.70 12.12 15.48
CA CYS A 579 23.99 11.64 16.83
C CYS A 579 25.48 11.48 17.05
N LEU A 580 26.21 11.00 16.03
CA LEU A 580 27.66 10.84 16.17
C LEU A 580 28.34 12.20 16.38
N LEU A 581 27.86 13.22 15.69
CA LEU A 581 28.43 14.56 15.88
C LEU A 581 28.07 15.13 17.25
N ARG A 582 26.82 14.94 17.68
CA ARG A 582 26.41 15.48 18.98
C ARG A 582 27.10 14.74 20.13
N ALA A 583 27.63 13.55 19.86
CA ALA A 583 28.37 12.82 20.88
C ALA A 583 29.86 13.15 20.81
N LYS A 584 30.53 12.99 21.94
CA LYS A 584 31.94 13.34 22.07
C LYS A 584 32.74 12.10 22.44
N GLY A 585 34.07 12.21 22.32
CA GLY A 585 34.95 11.11 22.61
C GLY A 585 35.23 10.25 21.40
N THR A 586 35.89 9.12 21.66
CA THR A 586 36.22 8.18 20.60
C THR A 586 34.96 7.57 20.02
N MET A 587 35.04 7.18 18.75
CA MET A 587 33.84 6.76 18.02
C MET A 587 33.20 5.54 18.65
N ALA A 588 34.01 4.58 19.10
CA ALA A 588 33.45 3.34 19.64
C ALA A 588 32.66 3.60 20.92
N GLU A 589 33.21 4.37 21.84
CA GLU A 589 32.55 4.55 23.13
C GLU A 589 31.27 5.37 22.98
N ARG A 590 31.27 6.38 22.11
CA ARG A 590 30.04 7.16 21.93
C ARG A 590 29.00 6.39 21.14
N TRP A 591 29.43 5.55 20.19
CA TRP A 591 28.48 4.68 19.50
C TRP A 591 27.84 3.71 20.47
N GLN A 592 28.62 3.16 21.39
CA GLN A 592 28.06 2.28 22.41
C GLN A 592 27.13 3.03 23.34
N HIS A 593 27.50 4.24 23.75
CA HIS A 593 26.66 5.04 24.64
C HIS A 593 25.33 5.38 23.98
N LEU A 594 25.35 5.74 22.70
CA LEU A 594 24.12 6.18 22.04
C LEU A 594 23.21 5.01 21.70
N THR A 595 23.75 3.79 21.67
CA THR A 595 22.93 2.61 21.39
C THR A 595 22.49 1.87 22.65
N GLN A 596 22.78 2.43 23.83
CA GLN A 596 22.33 1.80 25.07
C GLN A 596 20.81 1.82 25.14
N PRO A 597 20.15 0.68 25.28
CA PRO A 597 18.69 0.67 25.32
C PRO A 597 18.15 1.46 26.51
N ILE A 598 17.06 2.17 26.28
CA ILE A 598 16.38 2.95 27.31
C ILE A 598 15.08 2.24 27.61
N TRP A 599 14.94 1.74 28.84
CA TRP A 599 13.78 0.95 29.23
C TRP A 599 12.73 1.84 29.89
N GLY A 600 11.48 1.40 29.80
CA GLY A 600 10.39 2.11 30.42
C GLY A 600 10.23 1.75 31.89
N LEU A 601 9.14 2.25 32.47
CA LEU A 601 8.85 1.97 33.87
C LEU A 601 8.56 0.48 34.08
N HIS A 602 7.86 -0.15 33.14
CA HIS A 602 7.46 -1.55 33.31
C HIS A 602 8.67 -2.47 33.38
N HIS A 603 9.65 -2.26 32.51
CA HIS A 603 10.82 -3.13 32.48
C HIS A 603 12.11 -2.30 32.49
#